data_3SMO
#
_entry.id   3SMO
#
_cell.length_a   81.600
_cell.length_b   111.320
_cell.length_c   62.240
_cell.angle_alpha   90.00
_cell.angle_beta   90.00
_cell.angle_gamma   90.00
#
_symmetry.space_group_name_H-M   'C 2 2 21'
#
loop_
_entity.id
_entity.type
_entity.pdbx_description
1 polymer '14-3-3 protein sigma'
2 polymer 'TASK-3 peptide'
3 non-polymer 'Fusicoccin J aglycone'
4 non-polymer 'MAGNESIUM ION'
5 water water
#
loop_
_entity_poly.entity_id
_entity_poly.type
_entity_poly.pdbx_seq_one_letter_code
_entity_poly.pdbx_strand_id
1 'polypeptide(L)'
;AMGSMERASLIQKAKLAEQAERYEDMAAFMKGAVEKGEELSVEERNLLSVAYKNVVGGQRAAWRVLSSIEQKSNEEGSEE
KGPEVREYREKVETELQGVCDTVLGLLDSHLIKEAGDAESRVFYLKMKGDYYRYLAEVATGDDKKRIIDSARSAYQEAMD
ISKKEMPPTHPIRLGLALNFSVFHYEIANSPEEAISLAKTTFDEAMADLHTLSEDSYKDSTLIMQLLRDNLTLWT
;
A
2 'polypeptide(L)' KRRK(SEP)V P
#
# COMPACT_ATOMS: atom_id res chain seq x y z
N ALA A 1 8.33 13.61 19.93
CA ALA A 1 9.41 13.59 18.82
C ALA A 1 9.11 14.75 17.84
N MET A 2 7.94 14.60 17.21
CA MET A 2 7.30 15.73 16.55
C MET A 2 6.28 16.30 17.49
N GLY A 3 6.37 15.86 18.74
CA GLY A 3 5.42 16.27 19.77
C GLY A 3 5.26 17.75 20.02
N SER A 4 6.35 18.50 19.82
CA SER A 4 6.29 19.96 20.08
CA SER A 4 6.31 19.94 20.08
C SER A 4 5.84 20.78 18.85
N MET A 5 5.76 20.17 17.66
CA MET A 5 5.29 20.92 16.51
C MET A 5 3.76 20.88 16.33
N GLU A 6 3.21 22.02 15.95
CA GLU A 6 1.73 22.14 15.70
C GLU A 6 1.33 21.16 14.56
N ARG A 7 0.15 20.57 14.71
CA ARG A 7 -0.36 19.65 13.68
C ARG A 7 -0.34 20.29 12.32
N ALA A 8 -0.81 21.54 12.25
CA ALA A 8 -0.89 22.18 10.93
C ALA A 8 0.54 22.41 10.32
N SER A 9 1.51 22.69 11.17
CA SER A 9 2.91 22.85 10.73
CA SER A 9 2.86 22.87 10.65
C SER A 9 3.48 21.55 10.22
N LEU A 10 3.19 20.46 10.94
CA LEU A 10 3.60 19.12 10.44
CA LEU A 10 3.54 19.09 10.46
C LEU A 10 3.01 18.87 9.06
N ILE A 11 1.72 19.18 8.90
N ILE A 11 1.75 19.19 8.85
CA ILE A 11 1.07 18.95 7.61
CA ILE A 11 1.19 18.86 7.56
C ILE A 11 1.77 19.80 6.52
C ILE A 11 1.72 19.82 6.47
N GLN A 12 1.97 21.06 6.84
CA GLN A 12 2.59 21.98 5.89
CA GLN A 12 2.60 21.98 5.91
C GLN A 12 4.00 21.48 5.53
N LYS A 13 4.74 21.03 6.55
CA LYS A 13 6.15 20.50 6.29
C LYS A 13 6.10 19.19 5.54
N ALA A 14 5.07 18.38 5.76
CA ALA A 14 4.96 17.15 4.92
C ALA A 14 4.79 17.53 3.46
N LYS A 15 4.00 18.57 3.16
CA LYS A 15 3.81 18.95 1.80
CA LYS A 15 3.78 18.97 1.78
C LYS A 15 5.08 19.49 1.18
N LEU A 16 5.82 20.21 1.98
CA LEU A 16 7.14 20.74 1.49
C LEU A 16 8.14 19.62 1.27
N ALA A 17 8.16 18.61 2.16
CA ALA A 17 9.08 17.50 2.01
C ALA A 17 8.70 16.72 0.76
N GLU A 18 7.41 16.55 0.50
CA GLU A 18 7.00 15.89 -0.76
C GLU A 18 7.57 16.66 -2.00
N GLN A 19 7.45 17.94 -1.98
CA GLN A 19 7.91 18.77 -3.11
CA GLN A 19 7.91 18.79 -3.09
C GLN A 19 9.41 18.61 -3.25
N ALA A 20 10.11 18.42 -2.11
CA ALA A 20 11.54 18.28 -2.08
C ALA A 20 12.01 16.85 -2.27
N GLU A 21 11.04 15.96 -2.52
CA GLU A 21 11.29 14.48 -2.56
C GLU A 21 12.03 13.93 -1.34
N ARG A 22 11.72 14.47 -0.17
CA ARG A 22 12.35 14.07 1.06
C ARG A 22 11.36 13.18 1.79
N TYR A 23 11.22 11.94 1.32
CA TYR A 23 10.05 11.16 1.79
C TYR A 23 10.22 10.67 3.20
N GLU A 24 11.45 10.42 3.68
CA GLU A 24 11.66 10.02 5.11
CA GLU A 24 11.64 10.02 5.10
C GLU A 24 11.15 11.17 6.00
N ASP A 25 11.54 12.40 5.66
CA ASP A 25 11.05 13.54 6.43
C ASP A 25 9.52 13.61 6.31
N MET A 26 9.03 13.48 5.09
CA MET A 26 7.58 13.53 4.89
CA MET A 26 7.58 13.55 4.92
C MET A 26 6.87 12.54 5.84
N ALA A 27 7.39 11.32 5.91
CA ALA A 27 6.76 10.26 6.72
C ALA A 27 6.85 10.60 8.19
N ALA A 28 8.01 11.09 8.61
CA ALA A 28 8.10 11.49 10.02
C ALA A 28 7.15 12.67 10.34
N PHE A 29 7.00 13.67 9.46
CA PHE A 29 6.05 14.73 9.72
C PHE A 29 4.65 14.16 9.80
N MET A 30 4.31 13.31 8.82
CA MET A 30 2.92 12.70 8.88
C MET A 30 2.69 11.79 10.10
N LYS A 31 3.71 11.01 10.51
CA LYS A 31 3.63 10.22 11.73
C LYS A 31 3.32 11.19 12.88
N GLY A 32 4.08 12.32 12.97
CA GLY A 32 3.77 13.31 14.03
C GLY A 32 2.38 13.84 13.98
N ALA A 33 1.87 14.11 12.76
CA ALA A 33 0.49 14.56 12.63
C ALA A 33 -0.53 13.52 13.12
N VAL A 34 -0.33 12.26 12.71
CA VAL A 34 -1.24 11.22 13.22
C VAL A 34 -1.18 11.14 14.73
N GLU A 35 0.02 11.23 15.29
CA GLU A 35 0.14 11.10 16.75
CA GLU A 35 0.24 11.20 16.77
C GLU A 35 -0.51 12.27 17.52
N LYS A 36 -0.94 13.33 16.82
CA LYS A 36 -1.71 14.34 17.49
C LYS A 36 -3.08 13.83 17.93
N GLY A 37 -3.57 12.72 17.36
CA GLY A 37 -4.74 12.00 17.87
C GLY A 37 -6.03 12.36 17.17
N GLU A 38 -6.01 13.42 16.37
CA GLU A 38 -7.19 13.77 15.60
CA GLU A 38 -7.13 13.84 15.53
C GLU A 38 -7.23 12.94 14.31
N GLU A 39 -8.46 12.74 13.83
CA GLU A 39 -8.64 11.99 12.55
C GLU A 39 -7.99 12.78 11.44
N LEU A 40 -7.66 12.09 10.36
N LEU A 40 -7.65 12.09 10.36
CA LEU A 40 -7.02 12.75 9.21
CA LEU A 40 -6.99 12.74 9.22
C LEU A 40 -8.06 13.02 8.16
C LEU A 40 -8.06 13.03 8.18
N SER A 41 -7.91 14.15 7.49
CA SER A 41 -8.74 14.42 6.33
C SER A 41 -8.33 13.57 5.11
N VAL A 42 -9.10 13.64 4.02
CA VAL A 42 -8.73 12.90 2.82
CA VAL A 42 -8.73 12.84 2.87
C VAL A 42 -7.35 13.27 2.38
N GLU A 43 -7.08 14.58 2.32
CA GLU A 43 -5.79 15.10 1.80
CA GLU A 43 -5.79 14.87 1.72
C GLU A 43 -4.66 14.56 2.71
N GLU A 44 -4.92 14.63 4.03
CA GLU A 44 -3.86 14.23 4.96
C GLU A 44 -3.64 12.73 4.90
N ARG A 45 -4.69 11.92 4.71
CA ARG A 45 -4.47 10.47 4.59
C ARG A 45 -3.67 10.20 3.34
N ASN A 46 -3.94 10.96 2.29
CA ASN A 46 -3.11 10.79 1.10
C ASN A 46 -1.66 11.09 1.37
N LEU A 47 -1.35 12.15 2.14
CA LEU A 47 0.04 12.48 2.40
C LEU A 47 0.69 11.38 3.20
N LEU A 48 -0.05 10.88 4.17
CA LEU A 48 0.45 9.80 5.06
C LEU A 48 0.84 8.59 4.17
N SER A 49 -0.08 8.18 3.26
CA SER A 49 0.11 7.02 2.40
CA SER A 49 0.17 7.00 2.46
C SER A 49 1.28 7.25 1.44
N VAL A 50 1.31 8.42 0.84
CA VAL A 50 2.39 8.68 -0.15
C VAL A 50 3.78 8.64 0.55
N ALA A 51 3.86 9.26 1.76
CA ALA A 51 5.17 9.31 2.45
C ALA A 51 5.70 7.93 2.68
N TYR A 52 4.90 7.10 3.31
CA TYR A 52 5.36 5.72 3.59
C TYR A 52 5.50 4.84 2.38
N LYS A 53 4.62 4.99 1.38
N LYS A 53 4.59 5.00 1.41
CA LYS A 53 4.73 4.15 0.21
CA LYS A 53 4.65 4.29 0.14
C LYS A 53 6.08 4.43 -0.46
C LYS A 53 6.04 4.45 -0.45
N ASN A 54 6.52 5.71 -0.48
CA ASN A 54 7.83 6.01 -1.00
C ASN A 54 8.97 5.52 -0.17
N VAL A 55 8.89 5.67 1.14
CA VAL A 55 9.98 5.19 2.00
C VAL A 55 10.11 3.67 1.83
N VAL A 56 9.00 2.95 1.96
CA VAL A 56 9.08 1.51 1.93
CA VAL A 56 9.12 1.49 1.90
C VAL A 56 9.36 1.03 0.52
N GLY A 57 8.90 1.82 -0.49
CA GLY A 57 9.19 1.40 -1.87
C GLY A 57 10.69 1.44 -2.16
N GLY A 58 11.37 2.45 -1.65
CA GLY A 58 12.85 2.50 -1.71
C GLY A 58 13.52 1.30 -0.95
N GLN A 59 13.02 0.94 0.25
CA GLN A 59 13.66 -0.13 0.98
C GLN A 59 13.38 -1.45 0.27
N ARG A 60 12.15 -1.57 -0.26
CA ARG A 60 11.82 -2.86 -0.97
C ARG A 60 12.66 -3.04 -2.19
N ALA A 61 12.83 -1.98 -2.98
CA ALA A 61 13.64 -2.08 -4.18
C ALA A 61 15.09 -2.47 -3.81
N ALA A 62 15.62 -1.88 -2.76
CA ALA A 62 16.99 -2.20 -2.32
C ALA A 62 17.05 -3.65 -1.81
N TRP A 63 16.03 -4.07 -1.06
CA TRP A 63 16.00 -5.43 -0.57
C TRP A 63 16.01 -6.40 -1.77
N ARG A 64 15.25 -6.07 -2.83
CA ARG A 64 15.22 -6.99 -3.95
C ARG A 64 16.59 -7.12 -4.63
N VAL A 65 17.25 -5.99 -4.78
CA VAL A 65 18.64 -5.96 -5.35
CA VAL A 65 18.58 -6.02 -5.38
C VAL A 65 19.50 -6.90 -4.49
N LEU A 66 19.51 -6.68 -3.17
CA LEU A 66 20.41 -7.44 -2.26
C LEU A 66 20.01 -8.94 -2.23
N SER A 67 18.68 -9.20 -2.22
CA SER A 67 18.19 -10.59 -2.23
CA SER A 67 18.22 -10.57 -2.23
C SER A 67 18.67 -11.32 -3.49
N SER A 68 18.63 -10.66 -4.62
CA SER A 68 19.04 -11.28 -5.88
CA SER A 68 19.04 -11.29 -5.87
C SER A 68 20.54 -11.56 -5.85
N ILE A 69 21.29 -10.65 -5.25
CA ILE A 69 22.77 -10.87 -5.12
C ILE A 69 23.02 -12.07 -4.20
N GLU A 70 22.27 -12.15 -3.12
CA GLU A 70 22.48 -13.16 -2.11
C GLU A 70 22.14 -14.52 -2.75
N GLN A 71 21.06 -14.54 -3.53
CA GLN A 71 20.66 -15.83 -4.22
C GLN A 71 21.72 -16.31 -5.24
N LYS A 72 22.21 -15.42 -6.07
CA LYS A 72 23.33 -15.78 -6.94
C LYS A 72 24.55 -16.31 -6.13
N SER A 73 24.81 -15.74 -4.96
CA SER A 73 25.97 -16.12 -4.14
CA SER A 73 25.97 -16.13 -4.17
C SER A 73 25.79 -17.51 -3.56
N ASN A 74 24.55 -17.98 -3.55
CA ASN A 74 24.25 -19.29 -3.01
C ASN A 74 24.14 -20.39 -4.09
N GLU A 75 24.19 -20.00 -5.37
CA GLU A 75 24.16 -20.94 -6.53
C GLU A 75 25.42 -21.81 -6.61
N GLU A 76 25.31 -23.02 -7.17
CA GLU A 76 26.48 -23.90 -7.36
C GLU A 76 27.59 -23.19 -8.16
N GLY A 77 28.84 -23.27 -7.68
CA GLY A 77 30.01 -22.69 -8.38
C GLY A 77 30.32 -21.24 -8.00
N SER A 78 29.47 -20.67 -7.15
CA SER A 78 29.63 -19.30 -6.65
C SER A 78 30.77 -19.27 -5.60
N GLU A 79 31.71 -18.33 -5.74
CA GLU A 79 32.77 -18.19 -4.72
C GLU A 79 32.14 -17.74 -3.43
N GLU A 80 32.54 -18.37 -2.34
CA GLU A 80 32.20 -17.95 -1.00
C GLU A 80 32.73 -16.55 -0.72
N LYS A 81 31.86 -15.59 -0.42
CA LYS A 81 32.34 -14.20 -0.18
C LYS A 81 32.10 -13.75 1.28
N GLY A 82 31.61 -14.70 2.09
CA GLY A 82 31.50 -14.50 3.51
C GLY A 82 30.09 -14.03 3.80
N PRO A 83 29.88 -13.52 4.99
CA PRO A 83 28.52 -13.26 5.46
C PRO A 83 27.98 -11.87 5.03
N GLU A 84 28.79 -11.10 4.27
CA GLU A 84 28.43 -9.69 4.14
C GLU A 84 27.10 -9.45 3.43
N VAL A 85 26.87 -10.16 2.34
CA VAL A 85 25.64 -9.95 1.54
CA VAL A 85 25.65 -9.85 1.59
C VAL A 85 24.41 -10.24 2.40
N ARG A 86 24.45 -11.40 3.07
CA ARG A 86 23.32 -11.81 3.93
C ARG A 86 23.20 -10.79 5.05
N GLU A 87 24.33 -10.37 5.69
CA GLU A 87 24.20 -9.36 6.72
C GLU A 87 23.56 -8.05 6.28
N TYR A 88 23.95 -7.61 5.08
CA TYR A 88 23.51 -6.27 4.71
C TYR A 88 22.05 -6.39 4.16
N ARG A 89 21.72 -7.52 3.50
CA ARG A 89 20.30 -7.76 3.18
C ARG A 89 19.46 -7.82 4.46
N GLU A 90 19.96 -8.47 5.52
CA GLU A 90 19.25 -8.48 6.81
C GLU A 90 19.10 -7.11 7.39
N LYS A 91 20.10 -6.26 7.24
CA LYS A 91 20.06 -4.94 7.83
C LYS A 91 18.90 -4.17 7.11
N VAL A 92 18.89 -4.22 5.76
CA VAL A 92 17.88 -3.50 4.95
C VAL A 92 16.50 -4.10 5.28
N GLU A 93 16.46 -5.43 5.43
CA GLU A 93 15.22 -6.13 5.77
C GLU A 93 14.68 -5.66 7.11
N THR A 94 15.56 -5.57 8.11
CA THR A 94 15.15 -5.11 9.46
C THR A 94 14.60 -3.70 9.42
N GLU A 95 15.25 -2.84 8.64
CA GLU A 95 14.84 -1.44 8.53
CA GLU A 95 14.80 -1.46 8.59
C GLU A 95 13.46 -1.38 7.89
N LEU A 96 13.28 -2.18 6.85
CA LEU A 96 12.01 -2.19 6.17
CA LEU A 96 12.02 -2.27 6.14
C LEU A 96 10.90 -2.73 7.08
N GLN A 97 11.18 -3.81 7.79
CA GLN A 97 10.18 -4.33 8.79
C GLN A 97 9.85 -3.27 9.81
N GLY A 98 10.82 -2.49 10.20
CA GLY A 98 10.56 -1.48 11.17
C GLY A 98 9.62 -0.38 10.65
N VAL A 99 9.77 -0.05 9.39
CA VAL A 99 8.88 0.92 8.75
C VAL A 99 7.47 0.32 8.67
N CYS A 100 7.37 -0.93 8.27
CA CYS A 100 6.03 -1.53 8.20
C CYS A 100 5.43 -1.55 9.58
N ASP A 101 6.24 -1.91 10.61
CA ASP A 101 5.67 -1.99 11.93
C ASP A 101 5.21 -0.61 12.41
N THR A 102 5.96 0.42 12.01
CA THR A 102 5.61 1.83 12.39
C THR A 102 4.21 2.17 11.79
N VAL A 103 4.05 1.88 10.50
CA VAL A 103 2.78 2.23 9.85
C VAL A 103 1.67 1.39 10.42
N LEU A 104 1.91 0.08 10.63
CA LEU A 104 0.89 -0.75 11.21
C LEU A 104 0.50 -0.29 12.62
N GLY A 105 1.48 0.22 13.33
CA GLY A 105 1.19 0.77 14.60
C GLY A 105 0.35 2.00 14.59
N LEU A 106 0.54 2.87 13.56
CA LEU A 106 -0.23 4.08 13.46
C LEU A 106 -1.65 3.66 13.11
N LEU A 107 -1.80 2.67 12.21
CA LEU A 107 -3.14 2.23 11.87
CA LEU A 107 -3.15 2.21 11.87
C LEU A 107 -3.87 1.62 13.07
N ASP A 108 -3.15 0.88 13.88
CA ASP A 108 -3.79 0.23 15.01
C ASP A 108 -3.96 1.19 16.22
N SER A 109 -3.14 2.22 16.30
CA SER A 109 -3.19 3.22 17.38
CA SER A 109 -3.22 3.22 17.37
C SER A 109 -3.21 4.69 16.85
N HIS A 110 -4.35 5.19 16.35
CA HIS A 110 -5.71 4.63 16.49
C HIS A 110 -6.49 4.98 15.26
N LEU A 111 -5.80 4.99 14.11
CA LEU A 111 -6.47 5.45 12.88
C LEU A 111 -7.67 4.56 12.51
N ILE A 112 -7.46 3.24 12.47
CA ILE A 112 -8.57 2.35 12.05
C ILE A 112 -9.78 2.44 12.97
N LYS A 113 -9.50 2.40 14.29
CA LYS A 113 -10.65 2.36 15.19
C LYS A 113 -11.55 3.63 15.12
N GLU A 114 -10.97 4.79 14.74
CA GLU A 114 -11.70 6.03 14.67
CA GLU A 114 -11.82 5.97 14.67
C GLU A 114 -12.34 6.26 13.27
N ALA A 115 -12.00 5.40 12.31
CA ALA A 115 -12.38 5.66 10.88
C ALA A 115 -13.75 5.04 10.64
N GLY A 116 -14.75 5.90 10.64
CA GLY A 116 -16.20 5.53 10.44
C GLY A 116 -16.70 5.61 9.01
N ASP A 117 -16.18 6.53 8.22
CA ASP A 117 -16.63 6.64 6.86
C ASP A 117 -15.98 5.61 5.98
N ALA A 118 -16.74 5.06 5.02
CA ALA A 118 -16.14 4.09 4.07
C ALA A 118 -14.83 4.59 3.52
N GLU A 119 -14.70 5.86 3.08
CA GLU A 119 -13.50 6.30 2.35
C GLU A 119 -12.30 6.30 3.31
N SER A 120 -12.53 6.48 4.61
CA SER A 120 -11.38 6.47 5.51
CA SER A 120 -11.43 6.46 5.56
C SER A 120 -11.09 5.04 5.91
N ARG A 121 -12.16 4.32 6.29
CA ARG A 121 -11.96 2.93 6.75
C ARG A 121 -11.31 2.04 5.70
N VAL A 122 -11.78 2.13 4.45
CA VAL A 122 -11.23 1.29 3.36
C VAL A 122 -9.81 1.69 3.07
N PHE A 123 -9.57 3.00 3.10
CA PHE A 123 -8.17 3.48 2.85
C PHE A 123 -7.22 2.88 3.86
N TYR A 124 -7.55 3.00 5.16
CA TYR A 124 -6.65 2.54 6.19
C TYR A 124 -6.52 1.02 6.15
N LEU A 125 -7.62 0.27 5.87
CA LEU A 125 -7.48 -1.16 5.81
CA LEU A 125 -7.53 -1.17 5.78
C LEU A 125 -6.68 -1.58 4.58
N LYS A 126 -6.80 -0.88 3.44
CA LYS A 126 -5.93 -1.13 2.35
C LYS A 126 -4.44 -0.93 2.80
N MET A 127 -4.16 0.16 3.50
CA MET A 127 -2.75 0.35 3.99
C MET A 127 -2.36 -0.82 4.89
N LYS A 128 -3.26 -1.28 5.75
CA LYS A 128 -2.94 -2.38 6.64
C LYS A 128 -2.59 -3.62 5.79
N GLY A 129 -3.40 -3.89 4.75
CA GLY A 129 -3.08 -5.07 3.85
C GLY A 129 -1.72 -4.81 3.19
N ASP A 130 -1.48 -3.58 2.74
CA ASP A 130 -0.24 -3.31 1.97
C ASP A 130 0.96 -3.56 2.89
N TYR A 131 0.94 -3.02 4.10
CA TYR A 131 2.15 -3.15 4.92
C TYR A 131 2.34 -4.60 5.45
N TYR A 132 1.26 -5.33 5.70
CA TYR A 132 1.48 -6.76 6.00
C TYR A 132 1.96 -7.45 4.74
N ARG A 133 1.45 -7.06 3.55
CA ARG A 133 2.02 -7.68 2.38
C ARG A 133 3.55 -7.41 2.22
N TYR A 134 3.99 -6.19 2.50
CA TYR A 134 5.48 -5.93 2.45
C TYR A 134 6.21 -6.77 3.46
N LEU A 135 5.63 -6.96 4.63
CA LEU A 135 6.24 -7.90 5.58
CA LEU A 135 6.18 -7.92 5.63
C LEU A 135 6.24 -9.31 5.01
N ALA A 136 5.16 -9.68 4.35
CA ALA A 136 5.13 -11.03 3.73
C ALA A 136 6.18 -11.20 2.63
N GLU A 137 6.51 -10.13 1.93
CA GLU A 137 7.49 -10.26 0.84
C GLU A 137 8.84 -10.73 1.35
N VAL A 138 9.14 -10.41 2.59
CA VAL A 138 10.45 -10.78 3.19
C VAL A 138 10.40 -11.89 4.20
N ALA A 139 9.19 -12.38 4.55
CA ALA A 139 8.98 -13.31 5.64
C ALA A 139 9.40 -14.68 5.12
N THR A 140 10.14 -15.40 5.97
CA THR A 140 10.75 -16.71 5.56
C THR A 140 10.60 -17.75 6.69
N GLY A 141 9.97 -17.38 7.79
CA GLY A 141 9.94 -18.22 9.00
C GLY A 141 8.56 -18.62 9.53
N ASP A 142 8.49 -18.85 10.85
CA ASP A 142 7.32 -19.46 11.56
C ASP A 142 6.05 -18.66 11.36
N ASP A 143 6.24 -17.36 11.28
CA ASP A 143 5.15 -16.41 11.24
CA ASP A 143 5.05 -16.53 11.25
C ASP A 143 4.63 -16.07 9.86
N LYS A 144 5.28 -16.59 8.80
CA LYS A 144 4.95 -16.21 7.45
CA LYS A 144 4.92 -16.15 7.46
C LYS A 144 3.46 -16.41 7.14
N LYS A 145 2.92 -17.55 7.53
CA LYS A 145 1.52 -17.76 7.19
C LYS A 145 0.64 -16.80 7.90
N ARG A 146 0.95 -16.45 9.15
CA ARG A 146 0.08 -15.55 9.87
C ARG A 146 0.25 -14.13 9.28
N ILE A 147 1.47 -13.77 8.89
CA ILE A 147 1.63 -12.43 8.25
C ILE A 147 0.77 -12.37 6.95
N ILE A 148 0.89 -13.40 6.13
CA ILE A 148 0.04 -13.49 4.94
C ILE A 148 -1.44 -13.39 5.26
N ASP A 149 -1.87 -14.10 6.29
CA ASP A 149 -3.28 -14.07 6.56
CA ASP A 149 -3.29 -14.09 6.75
C ASP A 149 -3.72 -12.69 7.11
N SER A 150 -2.81 -11.97 7.79
CA SER A 150 -3.11 -10.65 8.26
CA SER A 150 -3.14 -10.63 8.24
C SER A 150 -3.33 -9.71 7.07
N ALA A 151 -2.46 -9.83 6.06
CA ALA A 151 -2.63 -9.02 4.85
C ALA A 151 -4.00 -9.40 4.24
N ARG A 152 -4.24 -10.68 4.11
CA ARG A 152 -5.48 -11.12 3.47
CA ARG A 152 -5.47 -11.11 3.48
C ARG A 152 -6.72 -10.55 4.21
N SER A 153 -6.69 -10.66 5.53
CA SER A 153 -7.83 -10.28 6.37
CA SER A 153 -7.85 -10.30 6.36
C SER A 153 -8.13 -8.79 6.23
N ALA A 154 -7.06 -7.97 6.21
CA ALA A 154 -7.22 -6.54 6.11
C ALA A 154 -7.77 -6.19 4.73
N TYR A 155 -7.21 -6.82 3.68
CA TYR A 155 -7.69 -6.51 2.29
C TYR A 155 -9.12 -6.94 2.16
N GLN A 156 -9.40 -8.10 2.76
CA GLN A 156 -10.77 -8.64 2.64
C GLN A 156 -11.78 -7.74 3.32
N GLU A 157 -11.50 -7.28 4.54
CA GLU A 157 -12.47 -6.38 5.21
CA GLU A 157 -12.42 -6.34 5.23
C GLU A 157 -12.60 -5.07 4.39
N ALA A 158 -11.48 -4.58 3.86
CA ALA A 158 -11.56 -3.36 3.00
C ALA A 158 -12.43 -3.66 1.77
N MET A 159 -12.26 -4.84 1.14
CA MET A 159 -13.05 -5.17 -0.06
CA MET A 159 -13.07 -5.17 -0.06
C MET A 159 -14.53 -5.21 0.34
N ASP A 160 -14.81 -5.86 1.47
CA ASP A 160 -16.26 -6.03 1.84
C ASP A 160 -16.92 -4.68 2.06
N ILE A 161 -16.24 -3.75 2.74
CA ILE A 161 -16.82 -2.41 2.92
C ILE A 161 -16.92 -1.65 1.60
N SER A 162 -15.84 -1.68 0.81
CA SER A 162 -15.81 -0.92 -0.42
CA SER A 162 -15.82 -0.95 -0.43
C SER A 162 -16.91 -1.44 -1.39
N LYS A 163 -17.17 -2.75 -1.42
CA LYS A 163 -18.22 -3.23 -2.32
CA LYS A 163 -18.24 -3.30 -2.28
C LYS A 163 -19.59 -2.75 -1.84
N LYS A 164 -19.77 -2.61 -0.54
CA LYS A 164 -21.03 -2.17 0.03
CA LYS A 164 -21.04 -2.16 0.01
C LYS A 164 -21.23 -0.67 -0.10
N GLU A 165 -20.16 0.11 0.07
CA GLU A 165 -20.30 1.56 0.38
C GLU A 165 -19.70 2.48 -0.66
N MET A 166 -19.03 1.96 -1.66
CA MET A 166 -18.33 2.77 -2.65
CA MET A 166 -18.39 2.82 -2.62
C MET A 166 -18.70 2.35 -4.05
N PRO A 167 -18.75 3.31 -4.98
CA PRO A 167 -19.02 2.93 -6.36
C PRO A 167 -17.84 2.18 -6.95
N PRO A 168 -18.10 1.34 -7.97
CA PRO A 168 -17.07 0.51 -8.52
C PRO A 168 -15.93 1.31 -9.14
N THR A 169 -16.17 2.58 -9.47
CA THR A 169 -15.11 3.41 -10.01
CA THR A 169 -15.12 3.37 -10.03
C THR A 169 -14.27 4.15 -8.99
N HIS A 170 -14.63 4.03 -7.71
CA HIS A 170 -13.92 4.89 -6.72
C HIS A 170 -12.41 4.57 -6.77
N PRO A 171 -11.54 5.56 -6.87
CA PRO A 171 -10.11 5.21 -6.96
C PRO A 171 -9.58 4.37 -5.79
N ILE A 172 -10.17 4.54 -4.61
CA ILE A 172 -9.67 3.73 -3.48
C ILE A 172 -10.10 2.32 -3.70
N ARG A 173 -11.36 2.11 -4.13
CA ARG A 173 -11.79 0.76 -4.43
CA ARG A 173 -11.80 0.77 -4.50
C ARG A 173 -10.96 0.08 -5.54
N LEU A 174 -10.63 0.83 -6.60
CA LEU A 174 -9.83 0.29 -7.66
CA LEU A 174 -9.81 0.29 -7.68
C LEU A 174 -8.40 0.01 -7.20
N GLY A 175 -7.84 0.90 -6.39
CA GLY A 175 -6.41 0.67 -5.93
C GLY A 175 -6.37 -0.50 -4.94
N LEU A 176 -7.38 -0.63 -4.14
CA LEU A 176 -7.43 -1.73 -3.21
C LEU A 176 -7.50 -3.02 -4.02
N ALA A 177 -8.36 -3.05 -5.04
CA ALA A 177 -8.49 -4.30 -5.81
C ALA A 177 -7.21 -4.59 -6.52
N LEU A 178 -6.62 -3.55 -7.09
CA LEU A 178 -5.29 -3.73 -7.75
C LEU A 178 -4.29 -4.42 -6.77
N ASN A 179 -4.18 -3.90 -5.56
CA ASN A 179 -3.15 -4.47 -4.64
C ASN A 179 -3.55 -5.79 -4.13
N PHE A 180 -4.84 -5.99 -3.84
CA PHE A 180 -5.23 -7.32 -3.37
C PHE A 180 -5.03 -8.34 -4.45
N SER A 181 -5.21 -7.95 -5.70
CA SER A 181 -4.92 -8.85 -6.81
CA SER A 181 -4.95 -8.90 -6.78
C SER A 181 -3.43 -9.19 -6.89
N VAL A 182 -2.58 -8.19 -6.70
CA VAL A 182 -1.12 -8.47 -6.63
C VAL A 182 -0.79 -9.37 -5.43
N PHE A 183 -1.47 -9.16 -4.32
CA PHE A 183 -1.29 -10.02 -3.13
C PHE A 183 -1.60 -11.47 -3.60
N HIS A 184 -2.76 -11.65 -4.25
CA HIS A 184 -3.10 -13.03 -4.63
C HIS A 184 -2.04 -13.62 -5.57
N TYR A 185 -1.56 -12.79 -6.50
CA TYR A 185 -0.73 -13.32 -7.57
C TYR A 185 0.62 -13.68 -6.98
N GLU A 186 1.16 -12.79 -6.16
CA GLU A 186 2.58 -13.07 -5.80
C GLU A 186 2.89 -13.44 -4.39
N ILE A 187 1.94 -13.25 -3.48
CA ILE A 187 2.10 -13.61 -2.08
C ILE A 187 1.36 -14.90 -1.78
N ALA A 188 0.08 -14.99 -2.19
CA ALA A 188 -0.77 -16.12 -1.84
C ALA A 188 -0.71 -17.28 -2.88
N ASN A 189 0.10 -17.18 -3.92
CA ASN A 189 0.23 -18.26 -4.93
C ASN A 189 -1.17 -18.57 -5.49
N SER A 190 -1.92 -17.51 -5.82
CA SER A 190 -3.30 -17.69 -6.37
C SER A 190 -3.44 -16.81 -7.63
N PRO A 191 -2.67 -17.11 -8.66
CA PRO A 191 -2.72 -16.23 -9.82
C PRO A 191 -4.13 -16.22 -10.43
N GLU A 192 -4.86 -17.35 -10.38
CA GLU A 192 -6.23 -17.29 -10.93
C GLU A 192 -7.13 -16.33 -10.21
N GLU A 193 -7.06 -16.29 -8.90
CA GLU A 193 -7.84 -15.33 -8.11
C GLU A 193 -7.36 -13.94 -8.47
N ALA A 194 -6.05 -13.77 -8.65
CA ALA A 194 -5.55 -12.38 -8.93
C ALA A 194 -6.09 -11.89 -10.25
N ILE A 195 -6.06 -12.77 -11.25
CA ILE A 195 -6.59 -12.41 -12.58
C ILE A 195 -8.08 -12.15 -12.52
N SER A 196 -8.81 -13.04 -11.92
CA SER A 196 -10.27 -12.84 -11.78
CA SER A 196 -10.27 -12.86 -11.80
CA SER A 196 -10.27 -12.84 -11.83
C SER A 196 -10.61 -11.55 -11.10
N LEU A 197 -9.93 -11.28 -9.99
CA LEU A 197 -10.20 -10.04 -9.33
C LEU A 197 -9.86 -8.84 -10.17
N ALA A 198 -8.73 -8.83 -10.83
CA ALA A 198 -8.40 -7.63 -11.69
C ALA A 198 -9.41 -7.43 -12.82
N LYS A 199 -9.84 -8.56 -13.41
CA LYS A 199 -10.80 -8.53 -14.53
CA LYS A 199 -10.80 -8.53 -14.54
C LYS A 199 -12.16 -8.04 -14.10
N THR A 200 -12.70 -8.63 -13.07
CA THR A 200 -14.01 -8.24 -12.56
CA THR A 200 -14.02 -8.20 -12.60
C THR A 200 -14.01 -6.75 -12.11
N THR A 201 -12.91 -6.37 -11.47
CA THR A 201 -12.83 -5.00 -10.97
C THR A 201 -12.80 -4.06 -12.15
N PHE A 202 -11.98 -4.41 -13.14
CA PHE A 202 -11.88 -3.54 -14.36
C PHE A 202 -13.28 -3.41 -15.03
N ASP A 203 -13.96 -4.54 -15.23
CA ASP A 203 -15.22 -4.55 -15.99
C ASP A 203 -16.31 -3.85 -15.23
N GLU A 204 -16.39 -4.00 -13.91
CA GLU A 204 -17.43 -3.33 -13.13
CA GLU A 204 -17.46 -3.33 -13.19
C GLU A 204 -17.18 -1.82 -13.15
N ALA A 205 -15.89 -1.43 -13.20
CA ALA A 205 -15.62 -0.03 -13.23
C ALA A 205 -16.00 0.52 -14.63
N MET A 206 -15.61 -0.19 -15.71
CA MET A 206 -15.98 0.23 -17.08
CA MET A 206 -15.99 0.24 -17.06
C MET A 206 -17.47 0.60 -17.13
N ALA A 207 -18.31 -0.24 -16.55
CA ALA A 207 -19.75 -0.11 -16.69
C ALA A 207 -20.29 1.04 -15.90
N ASP A 208 -19.51 1.61 -14.93
CA ASP A 208 -19.92 2.74 -14.09
CA ASP A 208 -20.06 2.77 -14.19
C ASP A 208 -19.32 4.09 -14.58
N LEU A 209 -18.39 4.05 -15.54
CA LEU A 209 -17.72 5.28 -16.00
C LEU A 209 -18.74 6.32 -16.45
N HIS A 210 -19.91 5.88 -16.95
CA HIS A 210 -20.87 6.78 -17.57
C HIS A 210 -21.48 7.77 -16.58
N THR A 211 -21.35 7.46 -15.27
CA THR A 211 -21.97 8.29 -14.21
C THR A 211 -21.06 9.43 -13.83
N LEU A 212 -19.83 9.42 -14.35
CA LEU A 212 -18.75 10.27 -13.82
C LEU A 212 -18.58 11.56 -14.61
N SER A 213 -18.18 12.58 -13.89
CA SER A 213 -17.59 13.79 -14.53
C SER A 213 -16.27 13.50 -15.23
N GLU A 214 -15.80 14.49 -16.03
CA GLU A 214 -14.59 14.29 -16.78
C GLU A 214 -13.39 14.07 -15.80
N ASP A 215 -13.36 14.85 -14.71
CA ASP A 215 -12.25 14.70 -13.79
CA ASP A 215 -12.33 14.75 -13.67
C ASP A 215 -12.30 13.36 -13.04
N SER A 216 -13.50 12.88 -12.67
CA SER A 216 -13.60 11.60 -11.96
CA SER A 216 -13.61 11.60 -11.97
C SER A 216 -13.26 10.49 -12.94
N TYR A 217 -13.65 10.69 -14.20
CA TYR A 217 -13.38 9.71 -15.24
CA TYR A 217 -13.38 9.69 -15.20
C TYR A 217 -11.86 9.53 -15.34
N LYS A 218 -11.13 10.64 -15.35
CA LYS A 218 -9.68 10.52 -15.55
CA LYS A 218 -9.65 10.63 -15.49
C LYS A 218 -9.07 9.86 -14.33
N ASP A 219 -9.57 10.20 -13.12
CA ASP A 219 -9.03 9.55 -11.91
C ASP A 219 -9.25 8.06 -11.96
N SER A 220 -10.45 7.62 -12.36
CA SER A 220 -10.76 6.17 -12.28
C SER A 220 -10.03 5.40 -13.42
N THR A 221 -10.03 6.00 -14.61
CA THR A 221 -9.43 5.31 -15.74
C THR A 221 -7.91 5.15 -15.52
N LEU A 222 -7.29 6.05 -14.78
CA LEU A 222 -5.84 5.94 -14.45
CA LEU A 222 -5.85 5.90 -14.51
C LEU A 222 -5.53 4.61 -13.73
N ILE A 223 -6.32 4.30 -12.72
CA ILE A 223 -6.04 3.06 -11.95
CA ILE A 223 -6.10 3.08 -11.92
C ILE A 223 -6.58 1.87 -12.72
N MET A 224 -7.62 2.07 -13.52
CA MET A 224 -8.09 0.93 -14.34
C MET A 224 -6.94 0.49 -15.30
N GLN A 225 -6.19 1.47 -15.82
CA GLN A 225 -5.11 1.10 -16.71
C GLN A 225 -4.05 0.27 -15.96
N LEU A 226 -3.84 0.54 -14.66
CA LEU A 226 -2.95 -0.36 -13.92
C LEU A 226 -3.49 -1.78 -13.83
N LEU A 227 -4.82 -1.94 -13.63
CA LEU A 227 -5.41 -3.27 -13.63
C LEU A 227 -5.13 -3.93 -14.99
N ARG A 228 -5.32 -3.16 -16.06
CA ARG A 228 -5.11 -3.75 -17.39
CA ARG A 228 -5.10 -3.68 -17.42
C ARG A 228 -3.66 -4.10 -17.62
N ASP A 229 -2.73 -3.30 -17.08
CA ASP A 229 -1.32 -3.57 -17.24
C ASP A 229 -1.02 -4.93 -16.59
N ASN A 230 -1.59 -5.17 -15.40
CA ASN A 230 -1.32 -6.45 -14.78
C ASN A 230 -1.96 -7.56 -15.53
N LEU A 231 -3.19 -7.40 -15.96
CA LEU A 231 -3.84 -8.49 -16.73
C LEU A 231 -3.00 -8.82 -17.97
N THR A 232 -2.45 -7.78 -18.59
CA THR A 232 -1.58 -7.98 -19.75
CA THR A 232 -1.60 -7.98 -19.77
C THR A 232 -0.32 -8.75 -19.45
N LEU A 233 0.31 -8.40 -18.32
CA LEU A 233 1.49 -9.09 -17.90
C LEU A 233 1.20 -10.55 -17.55
N TRP A 234 0.04 -10.82 -16.97
CA TRP A 234 -0.24 -12.14 -16.36
C TRP A 234 -0.96 -13.09 -17.28
N THR A 235 -1.41 -12.60 -18.42
CA THR A 235 -2.18 -13.46 -19.33
C THR A 235 -1.63 -13.51 -20.72
N LYS B 1 7.12 -5.26 -17.75
CA LYS B 1 8.10 -4.97 -16.66
C LYS B 1 7.60 -5.50 -15.31
N ARG B 2 7.48 -4.59 -14.36
CA ARG B 2 7.09 -5.03 -13.04
C ARG B 2 5.57 -4.79 -12.89
N ARG B 3 4.89 -5.73 -12.26
CA ARG B 3 3.41 -5.57 -12.04
C ARG B 3 3.15 -4.28 -11.23
N LYS B 4 1.94 -3.73 -11.42
CA LYS B 4 1.62 -2.45 -10.85
CA LYS B 4 1.55 -2.45 -10.89
C LYS B 4 0.92 -2.62 -9.53
N VAL B 6 -0.48 0.29 -6.19
CA VAL B 6 -0.70 1.73 -5.98
C VAL B 6 -0.94 2.05 -4.60
#